data_6Y4B
#
_entry.id   6Y4B
#
_cell.length_a   254.834
_cell.length_b   254.834
_cell.length_c   69.410
_cell.angle_alpha   90.000
_cell.angle_beta   90.000
_cell.angle_gamma   120.000
#
_symmetry.space_group_name_H-M   'P 61 2 2'
#
loop_
_entity.id
_entity.type
_entity.pdbx_description
1 polymer 'RNA (77-MER)'
2 polymer 'Cyclodipeptide synthase'
3 non-polymer PHENYLALANINE
#
loop_
_entity_poly.entity_id
_entity_poly.type
_entity_poly.pdbx_seq_one_letter_code
_entity_poly.pdbx_strand_id
1 'polyribonucleotide'
;GCCCGGA(4SU)AGCUCAG(H2U)CGG(H2U)AGAGCAGGGGA(PSU)UGAAAA(PSU)CCCCGUGUCCUUGG(5MU)
(PSU)CGAUUCCGAGUCCGGGCACCA
;
F
2 'polypeptide(L)'
;MAKIAYFKGLEQFILENSLIKNKPIKIVIGISMQSPHQISNEHKQSGDSFRAFVDLLRKTNEQCIRDENNNESAIRISEL
IVVITDGLHRHNLRLYKNVSTTEAESEAAGLGQKWVADNRQFLEAIGQCGISYKVIHWEELKSVAFNRYLQIVEEEYEKP
NSEFRSIIDNLTQTHLEKLVNFLLETRDSSFTQEDCVSATRKYLLEEAASAFEFASLKADGMTYPGPCSPGFKYIYDTYL
SESNPLPFIEYGMRGGKKLPSFWKEESPVENALSGMPDEEFLIHHTSNFSNHHHHHH
;
A
#
# COMPACT_ATOMS: atom_id res chain seq x y z
N GLY B 9 14.85 7.53 -1.56
CA GLY B 9 15.43 7.46 -2.91
C GLY B 9 14.44 7.95 -3.95
N LEU B 10 14.74 7.68 -5.22
CA LEU B 10 13.90 8.09 -6.32
C LEU B 10 14.21 7.21 -7.52
N GLU B 11 13.62 7.55 -8.68
CA GLU B 11 13.83 6.82 -9.92
C GLU B 11 13.82 7.84 -11.08
N GLN B 12 14.88 8.64 -11.17
CA GLN B 12 14.98 9.61 -12.25
C GLN B 12 15.10 8.93 -13.60
N PHE B 13 15.69 7.73 -13.64
CA PHE B 13 15.77 6.97 -14.88
C PHE B 13 14.41 6.46 -15.34
N ILE B 14 13.42 6.46 -14.45
CA ILE B 14 12.06 6.07 -14.80
C ILE B 14 11.16 7.25 -15.12
N LEU B 15 11.63 8.49 -14.91
CA LEU B 15 10.80 9.65 -15.20
C LEU B 15 10.65 9.88 -16.70
N GLU B 16 11.68 9.54 -17.48
CA GLU B 16 11.65 9.80 -18.92
C GLU B 16 10.92 8.72 -19.70
N ASN B 17 10.74 7.52 -19.12
CA ASN B 17 10.02 6.46 -19.82
C ASN B 17 8.57 6.85 -20.05
N SER B 18 7.95 7.52 -19.08
CA SER B 18 6.59 8.02 -19.27
C SER B 18 6.58 9.30 -20.10
N LEU B 19 7.58 10.17 -19.89
CA LEU B 19 7.79 11.36 -20.70
C LEU B 19 6.61 12.33 -20.63
N ILE B 20 6.12 12.55 -19.41
CA ILE B 20 5.12 13.59 -19.14
C ILE B 20 5.74 14.54 -18.13
N LYS B 21 6.05 15.76 -18.56
CA LYS B 21 6.84 16.68 -17.76
C LYS B 21 6.23 18.08 -17.81
N ASN B 22 6.89 19.01 -17.11
CA ASN B 22 6.52 20.42 -17.06
C ASN B 22 5.07 20.62 -16.58
N LYS B 23 4.63 19.77 -15.66
CA LYS B 23 3.25 19.85 -15.17
C LYS B 23 3.19 19.15 -13.81
N PRO B 24 2.07 19.36 -13.12
CA PRO B 24 1.82 18.67 -11.86
C PRO B 24 1.67 17.17 -12.11
N ILE B 25 2.25 16.38 -11.22
CA ILE B 25 2.29 14.92 -11.36
C ILE B 25 1.36 14.29 -10.34
N LYS B 26 0.20 13.82 -10.79
CA LYS B 26 -0.76 13.16 -9.90
C LYS B 26 -0.18 11.85 -9.41
N ILE B 27 -0.04 11.72 -8.09
CA ILE B 27 0.55 10.55 -7.47
C ILE B 27 -0.35 10.01 -6.37
N VAL B 28 -0.17 8.74 -6.05
CA VAL B 28 -0.92 8.06 -5.00
C VAL B 28 0.06 7.18 -4.22
N ILE B 29 -0.46 6.51 -3.20
CA ILE B 29 0.36 5.66 -2.34
C ILE B 29 -0.54 4.84 -1.44
N GLY B 30 -0.09 3.62 -1.11
CA GLY B 30 -0.83 2.73 -0.24
C GLY B 30 0.05 2.02 0.77
N ILE B 31 -0.32 2.13 2.04
CA ILE B 31 0.46 1.56 3.13
C ILE B 31 -0.16 0.25 3.56
N SER B 32 0.57 -0.53 4.38
CA SER B 32 0.08 -1.80 4.88
C SER B 32 0.63 -2.01 6.29
N MET B 33 0.15 -3.07 6.93
CA MET B 33 0.61 -3.47 8.25
C MET B 33 0.51 -4.98 8.38
N GLN B 34 1.47 -5.58 9.08
CA GLN B 34 1.46 -7.00 9.37
C GLN B 34 0.87 -7.25 10.75
N SER B 35 0.33 -8.46 10.93
CA SER B 35 -0.26 -8.84 12.21
C SER B 35 0.76 -8.76 13.33
N PRO B 36 1.65 -9.75 13.40
CA PRO B 36 2.75 -9.72 14.34
C PRO B 36 3.87 -8.86 13.77
N HIS B 37 4.15 -7.73 14.42
CA HIS B 37 5.17 -6.80 13.94
C HIS B 37 6.54 -7.29 14.40
N GLN B 38 7.34 -7.74 13.44
CA GLN B 38 8.68 -8.23 13.77
C GLN B 38 9.60 -7.08 14.16
N ILE B 39 9.49 -5.95 13.47
CA ILE B 39 10.30 -4.77 13.75
C ILE B 39 9.64 -3.83 14.75
N SER B 40 8.52 -4.23 15.34
CA SER B 40 7.81 -3.47 16.37
C SER B 40 7.44 -2.06 15.90
N ASN B 41 8.13 -1.06 16.42
CA ASN B 41 7.83 0.32 16.05
C ASN B 41 8.29 0.64 14.63
N GLU B 42 9.46 0.14 14.24
CA GLU B 42 9.94 0.35 12.88
C GLU B 42 9.03 -0.36 11.89
N HIS B 43 8.57 0.38 10.88
CA HIS B 43 7.66 -0.17 9.88
C HIS B 43 7.61 0.79 8.71
N LYS B 44 6.94 0.35 7.65
CA LYS B 44 6.70 1.23 6.51
C LYS B 44 5.85 2.41 6.96
N GLN B 45 6.11 3.56 6.33
CA GLN B 45 5.43 4.81 6.65
C GLN B 45 5.63 5.21 8.12
N SER B 46 6.85 5.06 8.60
CA SER B 46 7.21 5.57 9.92
C SER B 46 7.31 7.08 9.85
N GLY B 47 7.77 7.70 10.93
CA GLY B 47 8.00 9.15 10.89
C GLY B 47 9.05 9.52 9.87
N ASP B 48 10.16 8.77 9.85
CA ASP B 48 11.20 9.02 8.86
C ASP B 48 10.67 8.83 7.44
N SER B 49 9.82 7.82 7.23
CA SER B 49 9.32 7.56 5.88
C SER B 49 8.39 8.67 5.40
N PHE B 50 7.52 9.16 6.28
CA PHE B 50 6.63 10.26 5.90
C PHE B 50 7.42 11.54 5.65
N ARG B 51 8.35 11.87 6.54
CA ARG B 51 9.16 13.07 6.34
C ARG B 51 10.00 12.98 5.07
N ALA B 52 10.49 11.78 4.74
CA ALA B 52 11.29 11.63 3.54
C ALA B 52 10.42 11.68 2.28
N PHE B 53 9.18 11.20 2.35
CA PHE B 53 8.25 11.40 1.25
C PHE B 53 8.00 12.88 1.03
N VAL B 54 7.83 13.64 2.12
CA VAL B 54 7.66 15.08 2.01
C VAL B 54 8.89 15.74 1.39
N ASP B 55 10.08 15.30 1.80
CA ASP B 55 11.31 15.88 1.26
C ASP B 55 11.47 15.57 -0.23
N LEU B 56 11.18 14.33 -0.63
CA LEU B 56 11.27 13.96 -2.04
C LEU B 56 10.21 14.67 -2.86
N LEU B 57 9.07 15.01 -2.25
CA LEU B 57 8.09 15.83 -2.95
C LEU B 57 8.59 17.27 -3.12
N ARG B 58 9.22 17.82 -2.09
CA ARG B 58 9.71 19.20 -2.16
C ARG B 58 10.95 19.33 -3.03
N LYS B 59 11.66 18.23 -3.28
CA LYS B 59 12.87 18.31 -4.11
C LYS B 59 12.56 18.68 -5.56
N THR B 60 11.31 18.55 -5.99
CA THR B 60 10.91 18.92 -7.34
C THR B 60 10.34 20.33 -7.42
N ASN B 61 9.98 20.94 -6.29
CA ASN B 61 9.53 22.33 -6.26
C ASN B 61 10.69 23.31 -6.32
N GLU B 62 11.94 22.82 -6.36
CA GLU B 62 13.12 23.65 -6.45
C GLU B 62 13.88 23.33 -7.73
N GLN B 63 14.85 24.18 -8.06
CA GLN B 63 15.64 24.08 -9.29
C GLN B 63 14.73 24.10 -10.52
N CYS B 64 14.12 25.27 -10.73
CA CYS B 64 13.20 25.46 -11.84
C CYS B 64 13.90 25.58 -13.19
N ILE B 65 15.23 25.75 -13.20
CA ILE B 65 16.00 25.77 -14.43
C ILE B 65 16.68 24.44 -14.70
N ARG B 66 16.57 23.48 -13.79
CA ARG B 66 17.12 22.14 -13.98
C ARG B 66 16.06 21.05 -14.06
N ASP B 67 14.82 21.34 -13.65
CA ASP B 67 13.71 20.41 -13.79
C ASP B 67 12.86 20.68 -15.03
N GLU B 68 12.85 21.92 -15.51
CA GLU B 68 12.14 22.24 -16.75
C GLU B 68 12.91 21.81 -17.99
N ASN B 69 14.18 21.46 -17.84
CA ASN B 69 14.99 21.02 -18.97
C ASN B 69 16.00 19.96 -18.54
N ILE B 75 10.36 17.80 -13.48
CA ILE B 75 9.98 17.11 -12.26
C ILE B 75 9.18 18.04 -11.34
N ARG B 76 7.96 17.60 -11.00
CA ARG B 76 7.10 18.35 -10.11
C ARG B 76 6.29 17.39 -9.26
N ILE B 77 5.88 17.85 -8.08
CA ILE B 77 5.10 17.04 -7.14
C ILE B 77 3.90 17.86 -6.71
N SER B 78 2.71 17.43 -7.11
CA SER B 78 1.48 18.13 -6.76
C SER B 78 0.30 17.19 -6.96
N GLU B 79 -0.81 17.51 -6.28
CA GLU B 79 -2.03 16.73 -6.34
C GLU B 79 -1.76 15.26 -6.02
N LEU B 80 -1.68 14.94 -4.73
CA LEU B 80 -1.33 13.60 -4.29
C LEU B 80 -2.46 12.99 -3.48
N ILE B 81 -2.45 11.67 -3.39
CA ILE B 81 -3.42 10.92 -2.60
C ILE B 81 -2.70 9.84 -1.82
N VAL B 82 -3.39 9.27 -0.84
CA VAL B 82 -2.82 8.24 0.01
C VAL B 82 -3.88 7.20 0.33
N VAL B 83 -3.58 5.93 0.04
CA VAL B 83 -4.49 4.83 0.29
C VAL B 83 -4.04 4.03 1.50
N ILE B 84 -4.98 3.30 2.08
CA ILE B 84 -4.74 2.43 3.23
C ILE B 84 -5.50 1.13 3.03
N THR B 85 -4.78 0.01 3.15
CA THR B 85 -5.40 -1.32 3.16
C THR B 85 -5.79 -1.70 4.58
N ASP B 86 -6.56 -0.81 5.22
CA ASP B 86 -7.05 -1.05 6.57
C ASP B 86 -7.91 -2.30 6.66
N GLY B 87 -8.55 -2.69 5.56
CA GLY B 87 -9.34 -3.90 5.52
C GLY B 87 -8.72 -4.97 4.66
N LEU B 88 -7.46 -5.29 4.94
CA LEU B 88 -6.75 -6.34 4.21
C LEU B 88 -6.33 -7.48 5.15
N HIS B 89 -5.52 -7.18 6.16
CA HIS B 89 -5.10 -8.19 7.14
C HIS B 89 -6.19 -8.34 8.19
N ARG B 90 -7.24 -9.06 7.83
CA ARG B 90 -8.33 -9.34 8.74
C ARG B 90 -8.13 -10.69 9.43
N HIS B 91 -8.23 -11.78 8.65
CA HIS B 91 -8.01 -13.11 9.20
C HIS B 91 -6.61 -13.28 9.78
N ASN B 92 -5.68 -12.39 9.43
CA ASN B 92 -4.36 -12.43 10.04
C ASN B 92 -4.42 -12.18 11.54
N LEU B 93 -5.31 -11.27 11.96
CA LEU B 93 -5.46 -10.95 13.38
C LEU B 93 -6.55 -11.76 14.05
N ARG B 94 -7.51 -12.28 13.28
CA ARG B 94 -8.61 -13.06 13.83
C ARG B 94 -8.16 -14.40 14.39
N LEU B 95 -6.89 -14.77 14.22
CA LEU B 95 -6.42 -16.06 14.71
C LEU B 95 -6.24 -16.06 16.22
N TYR B 96 -5.92 -14.90 16.81
CA TYR B 96 -5.60 -14.85 18.24
C TYR B 96 -6.81 -15.19 19.10
N LYS B 97 -7.96 -14.61 18.81
CA LYS B 97 -9.17 -14.84 19.60
C LYS B 97 -10.30 -15.27 18.69
N ASN B 98 -11.25 -16.01 19.26
CA ASN B 98 -12.46 -16.37 18.52
C ASN B 98 -13.10 -15.12 17.89
N VAL B 99 -13.48 -14.15 18.73
CA VAL B 99 -14.00 -12.87 18.28
C VAL B 99 -15.13 -13.03 17.27
N SER B 100 -14.96 -12.44 16.10
CA SER B 100 -15.94 -12.54 15.04
C SER B 100 -15.27 -12.20 13.72
N THR B 101 -15.97 -12.52 12.63
CA THR B 101 -15.47 -12.23 11.30
C THR B 101 -15.45 -10.72 11.04
N THR B 102 -16.52 -10.03 11.43
CA THR B 102 -16.58 -8.58 11.24
C THR B 102 -15.85 -7.83 12.35
N GLU B 103 -15.73 -8.43 13.54
CA GLU B 103 -15.01 -7.77 14.63
C GLU B 103 -13.52 -7.70 14.34
N ALA B 104 -12.97 -8.73 13.69
CA ALA B 104 -11.58 -8.69 13.27
C ALA B 104 -11.33 -7.56 12.29
N GLU B 105 -12.23 -7.40 11.31
CA GLU B 105 -12.21 -6.24 10.43
C GLU B 105 -12.19 -4.96 11.25
N SER B 106 -13.25 -4.70 12.01
CA SER B 106 -13.35 -3.53 12.88
C SER B 106 -12.04 -3.21 13.58
N GLU B 107 -11.43 -4.20 14.24
CA GLU B 107 -10.21 -3.95 14.99
C GLU B 107 -9.02 -3.62 14.07
N ALA B 108 -8.90 -4.33 12.94
CA ALA B 108 -7.78 -4.08 12.04
C ALA B 108 -7.87 -2.70 11.38
N ALA B 109 -9.05 -2.36 10.87
CA ALA B 109 -9.27 -1.02 10.34
C ALA B 109 -9.13 0.05 11.42
N GLY B 110 -9.44 -0.29 12.67
CA GLY B 110 -9.21 0.64 13.76
C GLY B 110 -7.73 0.91 13.99
N LEU B 111 -6.91 -0.13 13.92
CA LEU B 111 -5.46 0.09 14.03
C LEU B 111 -4.92 0.85 12.82
N GLY B 112 -5.51 0.60 11.65
CA GLY B 112 -5.14 1.40 10.48
C GLY B 112 -5.43 2.88 10.69
N GLN B 113 -6.63 3.19 11.17
CA GLN B 113 -6.94 4.58 11.50
C GLN B 113 -6.09 5.10 12.65
N LYS B 114 -5.64 4.20 13.52
CA LYS B 114 -4.73 4.60 14.59
C LYS B 114 -3.44 5.14 14.02
N TRP B 115 -2.83 4.41 13.07
CA TRP B 115 -1.66 4.99 12.40
C TRP B 115 -2.05 6.25 11.64
N VAL B 116 -3.20 6.24 10.97
CA VAL B 116 -3.65 7.43 10.26
C VAL B 116 -3.67 8.66 11.15
N ALA B 117 -3.93 8.46 12.44
CA ALA B 117 -3.82 9.52 13.43
C ALA B 117 -2.45 9.58 14.09
N ASP B 118 -1.63 8.53 13.96
CA ASP B 118 -0.28 8.53 14.52
C ASP B 118 0.69 9.39 13.74
N ASN B 119 0.32 9.85 12.54
CA ASN B 119 1.20 10.70 11.74
C ASN B 119 0.39 11.69 10.93
N ARG B 120 -0.65 12.27 11.55
CA ARG B 120 -1.50 13.22 10.85
C ARG B 120 -0.79 14.54 10.61
N GLN B 121 0.22 14.87 11.44
CA GLN B 121 0.97 16.10 11.26
C GLN B 121 1.68 16.10 9.91
N PHE B 122 2.25 14.96 9.51
CA PHE B 122 2.90 14.87 8.21
C PHE B 122 1.91 15.05 7.07
N LEU B 123 0.73 14.43 7.20
CA LEU B 123 -0.29 14.55 6.16
C LEU B 123 -0.74 16.00 6.00
N GLU B 124 -0.95 16.71 7.11
CA GLU B 124 -1.39 18.09 7.03
C GLU B 124 -0.27 19.03 6.58
N ALA B 125 0.97 18.75 6.98
CA ALA B 125 2.09 19.59 6.57
C ALA B 125 2.46 19.38 5.11
N ILE B 126 2.11 18.24 4.53
CA ILE B 126 2.26 18.07 3.09
C ILE B 126 1.44 19.10 2.33
N GLY B 127 0.31 19.52 2.91
CA GLY B 127 -0.49 20.56 2.28
C GLY B 127 0.11 21.94 2.40
N GLN B 128 0.94 22.17 3.43
CA GLN B 128 1.68 23.42 3.52
C GLN B 128 2.87 23.44 2.57
N CYS B 129 3.43 22.27 2.26
CA CYS B 129 4.52 22.17 1.30
C CYS B 129 4.04 22.24 -0.15
N GLY B 130 2.73 22.21 -0.39
CA GLY B 130 2.16 22.38 -1.71
C GLY B 130 1.33 21.21 -2.18
N ILE B 131 1.64 20.00 -1.70
CA ILE B 131 0.98 18.80 -2.20
C ILE B 131 -0.36 18.57 -1.52
N SER B 132 -1.35 18.17 -2.31
CA SER B 132 -2.66 17.85 -1.77
C SER B 132 -2.60 16.59 -0.91
N TYR B 133 -3.61 16.41 -0.06
CA TYR B 133 -3.63 15.32 0.91
C TYR B 133 -5.02 14.66 0.90
N LYS B 134 -5.08 13.43 0.40
CA LYS B 134 -6.27 12.60 0.49
C LYS B 134 -6.03 11.49 1.50
N VAL B 135 -7.11 10.76 1.83
CA VAL B 135 -7.01 9.72 2.86
C VAL B 135 -8.01 8.61 2.53
N ILE B 136 -7.59 7.70 1.65
CA ILE B 136 -8.37 6.52 1.33
C ILE B 136 -8.23 5.49 2.44
N HIS B 137 -9.28 4.69 2.62
CA HIS B 137 -9.34 3.73 3.72
C HIS B 137 -9.83 2.39 3.20
N TRP B 138 -10.23 1.52 4.12
CA TRP B 138 -10.70 0.18 3.78
C TRP B 138 -11.96 0.21 2.94
N GLU B 139 -13.09 0.55 3.57
CA GLU B 139 -14.37 0.58 2.86
C GLU B 139 -14.38 1.61 1.74
N GLU B 140 -13.70 2.74 1.93
CA GLU B 140 -13.68 3.81 0.93
C GLU B 140 -13.27 3.30 -0.44
N LEU B 141 -12.47 2.23 -0.50
CA LEU B 141 -12.12 1.59 -1.76
C LEU B 141 -12.87 0.27 -1.96
N LYS B 142 -12.77 -0.63 -0.99
CA LYS B 142 -13.39 -1.95 -1.10
C LYS B 142 -14.91 -1.93 -0.93
N SER B 143 -15.56 -0.80 -1.15
CA SER B 143 -17.01 -0.70 -0.98
C SER B 143 -17.78 -0.71 -2.29
N VAL B 144 -17.11 -0.87 -3.43
CA VAL B 144 -17.81 -0.85 -4.70
C VAL B 144 -17.06 -1.69 -5.73
N ALA B 145 -17.81 -2.49 -6.50
CA ALA B 145 -17.29 -3.27 -7.62
C ALA B 145 -16.24 -4.29 -7.17
N PHE B 146 -16.63 -5.13 -6.21
CA PHE B 146 -15.78 -6.22 -5.76
C PHE B 146 -16.27 -7.59 -6.22
N ASN B 147 -17.50 -7.69 -6.72
CA ASN B 147 -17.98 -8.96 -7.25
C ASN B 147 -17.37 -9.25 -8.62
N ARG B 148 -17.45 -8.29 -9.54
CA ARG B 148 -16.78 -8.44 -10.83
C ARG B 148 -15.27 -8.51 -10.68
N TYR B 149 -14.71 -7.79 -9.70
CA TYR B 149 -13.27 -7.83 -9.48
C TYR B 149 -12.81 -9.21 -9.01
N LEU B 150 -13.50 -9.77 -8.00
CA LEU B 150 -13.17 -11.12 -7.55
C LEU B 150 -13.44 -12.16 -8.64
N GLN B 151 -14.47 -11.92 -9.46
CA GLN B 151 -14.75 -12.81 -10.58
C GLN B 151 -13.60 -12.81 -11.58
N ILE B 152 -13.07 -11.64 -11.90
CA ILE B 152 -11.95 -11.56 -12.83
C ILE B 152 -10.68 -12.16 -12.21
N VAL B 153 -10.49 -11.97 -10.91
CA VAL B 153 -9.35 -12.60 -10.23
C VAL B 153 -9.43 -14.11 -10.34
N GLU B 154 -10.60 -14.69 -10.07
CA GLU B 154 -10.76 -16.14 -10.20
C GLU B 154 -10.67 -16.59 -11.65
N GLU B 155 -11.10 -15.76 -12.59
CA GLU B 155 -10.99 -16.11 -14.00
C GLU B 155 -9.54 -16.14 -14.45
N GLU B 156 -8.69 -15.29 -13.87
CA GLU B 156 -7.27 -15.40 -14.12
C GLU B 156 -6.64 -16.57 -13.37
N TYR B 157 -7.20 -16.92 -12.20
CA TYR B 157 -6.68 -18.01 -11.38
C TYR B 157 -7.45 -19.32 -11.58
N GLU B 158 -8.08 -19.50 -12.75
CA GLU B 158 -8.77 -20.73 -13.09
C GLU B 158 -7.97 -21.62 -14.03
N LYS B 159 -6.65 -21.43 -14.11
CA LYS B 159 -5.80 -22.23 -14.97
C LYS B 159 -4.37 -22.15 -14.47
N PRO B 160 -3.65 -23.26 -14.55
CA PRO B 160 -2.27 -23.35 -14.07
C PRO B 160 -1.26 -22.80 -15.07
N ASN B 161 -1.70 -22.18 -16.17
CA ASN B 161 -0.79 -21.65 -17.17
C ASN B 161 -0.32 -20.25 -16.85
N SER B 162 -1.20 -19.41 -16.31
CA SER B 162 -0.84 -18.04 -16.00
C SER B 162 0.10 -17.97 -14.81
N GLU B 163 1.01 -17.00 -14.84
CA GLU B 163 1.89 -16.76 -13.70
C GLU B 163 1.14 -16.27 -12.47
N PHE B 164 -0.16 -15.97 -12.60
CA PHE B 164 -0.98 -15.69 -11.43
C PHE B 164 -0.94 -16.82 -10.43
N ARG B 165 -0.82 -18.06 -10.91
CA ARG B 165 -0.64 -19.20 -10.01
C ARG B 165 0.75 -19.19 -9.38
N SER B 166 1.77 -18.74 -10.11
CA SER B 166 3.11 -18.64 -9.54
C SER B 166 3.14 -17.59 -8.43
N ILE B 167 2.56 -16.42 -8.69
CA ILE B 167 2.47 -15.40 -7.64
C ILE B 167 1.60 -15.88 -6.49
N ILE B 168 0.54 -16.61 -6.79
CA ILE B 168 -0.30 -17.20 -5.75
C ILE B 168 0.52 -18.11 -4.84
N ASP B 169 1.32 -18.99 -5.43
CA ASP B 169 2.13 -19.92 -4.64
C ASP B 169 3.21 -19.19 -3.85
N ASN B 170 3.81 -18.14 -4.44
CA ASN B 170 4.85 -17.40 -3.74
C ASN B 170 4.29 -16.67 -2.52
N LEU B 171 3.22 -15.88 -2.73
CA LEU B 171 2.59 -15.21 -1.61
C LEU B 171 2.03 -16.19 -0.60
N THR B 172 1.60 -17.37 -1.06
CA THR B 172 1.10 -18.39 -0.16
C THR B 172 2.21 -18.94 0.72
N GLN B 173 3.39 -19.18 0.15
CA GLN B 173 4.52 -19.62 0.96
C GLN B 173 4.92 -18.56 1.97
N THR B 174 4.92 -17.30 1.54
CA THR B 174 5.24 -16.20 2.45
C THR B 174 4.28 -16.17 3.63
N HIS B 175 2.98 -16.04 3.35
CA HIS B 175 1.99 -16.00 4.41
C HIS B 175 1.92 -17.30 5.19
N LEU B 176 2.34 -18.42 4.60
CA LEU B 176 2.33 -19.69 5.31
C LEU B 176 3.43 -19.73 6.36
N GLU B 177 4.65 -19.33 5.99
CA GLU B 177 5.70 -19.20 6.99
C GLU B 177 5.31 -18.21 8.08
N LYS B 178 4.68 -17.09 7.69
CA LYS B 178 4.27 -16.09 8.67
C LYS B 178 3.24 -16.66 9.64
N LEU B 179 2.19 -17.30 9.13
CA LEU B 179 1.15 -17.84 9.99
C LEU B 179 1.66 -19.03 10.81
N VAL B 180 2.62 -19.78 10.29
CA VAL B 180 3.22 -20.86 11.08
C VAL B 180 3.99 -20.30 12.26
N ASN B 181 4.80 -19.26 12.03
CA ASN B 181 5.50 -18.63 13.14
C ASN B 181 4.52 -17.98 14.12
N PHE B 182 3.39 -17.48 13.61
CA PHE B 182 2.41 -16.83 14.49
C PHE B 182 1.71 -17.86 15.38
N LEU B 183 1.13 -18.91 14.78
CA LEU B 183 0.46 -19.95 15.55
C LEU B 183 1.43 -20.79 16.37
N LEU B 184 2.73 -20.73 16.07
CA LEU B 184 3.71 -21.44 16.88
C LEU B 184 3.80 -20.88 18.29
N GLU B 185 3.30 -19.67 18.52
CA GLU B 185 3.28 -19.09 19.86
C GLU B 185 2.02 -19.44 20.63
N THR B 186 0.87 -19.50 19.94
CA THR B 186 -0.41 -19.83 20.56
C THR B 186 -1.11 -20.87 19.68
N ARG B 187 -1.22 -22.10 20.19
CA ARG B 187 -1.93 -23.16 19.50
C ARG B 187 -3.41 -23.21 19.88
N ASP B 188 -3.93 -22.16 20.52
CA ASP B 188 -5.31 -22.10 20.95
C ASP B 188 -6.24 -21.55 19.87
N SER B 189 -5.73 -21.26 18.68
CA SER B 189 -6.57 -20.76 17.60
C SER B 189 -7.47 -21.85 17.03
N SER B 190 -6.98 -23.10 17.00
CA SER B 190 -7.72 -24.23 16.45
C SER B 190 -8.09 -23.98 14.98
N PHE B 191 -7.23 -23.27 14.27
CA PHE B 191 -7.44 -23.04 12.85
C PHE B 191 -6.91 -24.24 12.05
N THR B 192 -7.20 -24.24 10.76
CA THR B 192 -6.80 -25.31 9.87
C THR B 192 -5.71 -24.83 8.93
N GLN B 193 -4.85 -25.77 8.52
CA GLN B 193 -3.83 -25.45 7.51
C GLN B 193 -4.49 -25.00 6.21
N GLU B 194 -5.54 -25.72 5.79
CA GLU B 194 -6.32 -25.27 4.63
C GLU B 194 -6.95 -23.91 4.90
N ASP B 195 -7.38 -23.66 6.13
CA ASP B 195 -7.96 -22.37 6.48
C ASP B 195 -6.94 -21.25 6.36
N CYS B 196 -5.74 -21.47 6.90
CA CYS B 196 -4.69 -20.45 6.80
C CYS B 196 -4.32 -20.19 5.35
N VAL B 197 -4.16 -21.27 4.56
CA VAL B 197 -3.81 -21.10 3.15
C VAL B 197 -4.90 -20.36 2.40
N SER B 198 -6.17 -20.70 2.64
CA SER B 198 -7.26 -20.09 1.90
C SER B 198 -7.46 -18.64 2.30
N ALA B 199 -7.27 -18.30 3.59
CA ALA B 199 -7.38 -16.91 4.00
C ALA B 199 -6.23 -16.08 3.45
N THR B 200 -5.02 -16.65 3.42
CA THR B 200 -3.90 -15.97 2.78
C THR B 200 -4.18 -15.73 1.30
N ARG B 201 -4.74 -16.72 0.61
CA ARG B 201 -5.08 -16.55 -0.80
C ARG B 201 -6.19 -15.53 -0.98
N LYS B 202 -7.13 -15.44 -0.05
CA LYS B 202 -8.17 -14.43 -0.12
C LYS B 202 -7.59 -13.02 0.02
N TYR B 203 -6.70 -12.84 0.98
CA TYR B 203 -6.01 -11.55 1.12
C TYR B 203 -5.19 -11.23 -0.12
N LEU B 204 -4.55 -12.25 -0.70
CA LEU B 204 -3.75 -12.03 -1.90
C LEU B 204 -4.62 -11.63 -3.09
N LEU B 205 -5.77 -12.27 -3.25
CA LEU B 205 -6.68 -11.91 -4.34
C LEU B 205 -7.29 -10.53 -4.13
N GLU B 206 -7.56 -10.17 -2.88
CA GLU B 206 -8.03 -8.82 -2.59
C GLU B 206 -6.96 -7.79 -2.93
N GLU B 207 -5.69 -8.13 -2.69
CA GLU B 207 -4.60 -7.25 -3.11
C GLU B 207 -4.48 -7.20 -4.62
N ALA B 208 -4.78 -8.30 -5.30
CA ALA B 208 -4.75 -8.30 -6.76
C ALA B 208 -5.92 -7.53 -7.34
N ALA B 209 -7.12 -7.76 -6.81
CA ALA B 209 -8.28 -6.97 -7.21
C ALA B 209 -8.14 -5.50 -6.81
N SER B 210 -7.19 -5.17 -5.94
CA SER B 210 -6.90 -3.79 -5.59
C SER B 210 -6.10 -3.06 -6.66
N ALA B 211 -5.80 -3.71 -7.78
CA ALA B 211 -5.22 -3.01 -8.92
C ALA B 211 -6.29 -2.42 -9.81
N PHE B 212 -7.35 -3.19 -10.10
CA PHE B 212 -8.46 -2.68 -10.89
C PHE B 212 -9.15 -1.53 -10.18
N GLU B 213 -9.61 -1.75 -8.94
CA GLU B 213 -10.43 -0.75 -8.26
C GLU B 213 -9.63 0.50 -7.92
N PHE B 214 -8.37 0.34 -7.51
CA PHE B 214 -7.55 1.51 -7.20
C PHE B 214 -7.12 2.24 -8.46
N ALA B 215 -6.69 1.49 -9.49
CA ALA B 215 -6.26 2.11 -10.73
C ALA B 215 -7.41 2.85 -11.41
N SER B 216 -8.65 2.38 -11.22
CA SER B 216 -9.79 3.09 -11.77
C SER B 216 -10.26 4.21 -10.87
N LEU B 217 -10.09 4.07 -9.55
CA LEU B 217 -10.53 5.09 -8.61
C LEU B 217 -9.60 6.29 -8.58
N LYS B 218 -8.30 6.06 -8.75
CA LYS B 218 -7.31 7.14 -8.74
C LYS B 218 -6.69 7.27 -10.12
N ALA B 219 -6.44 8.51 -10.54
CA ALA B 219 -5.82 8.77 -11.82
C ALA B 219 -4.30 8.68 -11.71
N ASP B 220 -3.67 8.31 -12.83
CA ASP B 220 -2.21 8.21 -12.97
C ASP B 220 -1.62 7.09 -12.13
N GLY B 221 -0.60 7.39 -11.34
CA GLY B 221 0.29 6.39 -10.77
C GLY B 221 0.22 6.37 -9.25
N MET B 222 0.64 5.24 -8.68
CA MET B 222 0.75 5.04 -7.24
C MET B 222 2.14 4.54 -6.92
N THR B 223 2.78 5.12 -5.90
CA THR B 223 4.16 4.83 -5.57
C THR B 223 4.26 4.26 -4.17
N TYR B 224 5.06 3.20 -4.02
CA TYR B 224 5.31 2.50 -2.77
C TYR B 224 6.81 2.38 -2.59
N PRO B 225 7.32 2.48 -1.35
CA PRO B 225 8.78 2.34 -1.15
C PRO B 225 9.36 1.06 -1.74
N GLY B 226 8.74 -0.08 -1.52
CA GLY B 226 9.17 -1.31 -2.14
C GLY B 226 8.74 -1.39 -3.60
N PRO B 227 8.81 -2.57 -4.20
CA PRO B 227 8.33 -2.74 -5.57
C PRO B 227 6.82 -2.90 -5.65
N CYS B 228 6.30 -3.87 -4.89
CA CYS B 228 4.87 -4.17 -4.83
C CYS B 228 4.31 -4.49 -6.22
N SER B 229 4.80 -5.61 -6.77
CA SER B 229 4.32 -6.11 -8.05
C SER B 229 3.37 -7.29 -7.90
N PRO B 230 2.98 -7.64 -6.67
CA PRO B 230 2.11 -8.79 -6.44
C PRO B 230 0.68 -8.46 -6.86
N GLY B 231 0.16 -9.20 -7.84
CA GLY B 231 -1.19 -9.01 -8.31
C GLY B 231 -1.42 -7.72 -9.08
N PHE B 232 -0.83 -6.63 -8.57
CA PHE B 232 -0.92 -5.34 -9.24
C PHE B 232 -0.43 -5.44 -10.68
N LYS B 233 0.71 -6.09 -10.88
CA LYS B 233 1.24 -6.24 -12.23
C LYS B 233 0.26 -7.02 -13.11
N TYR B 234 -0.19 -8.19 -12.64
CA TYR B 234 -1.03 -9.06 -13.45
C TYR B 234 -2.31 -8.36 -13.86
N ILE B 235 -2.96 -7.66 -12.93
CA ILE B 235 -4.22 -7.03 -13.27
C ILE B 235 -4.04 -5.73 -14.05
N TYR B 236 -3.06 -4.91 -13.66
CA TYR B 236 -2.89 -3.59 -14.25
C TYR B 236 -2.34 -3.66 -15.66
N ASP B 237 -1.46 -4.63 -15.95
CA ASP B 237 -1.01 -4.80 -17.33
C ASP B 237 -2.17 -5.18 -18.25
N THR B 238 -3.16 -5.90 -17.72
CA THR B 238 -4.34 -6.25 -18.50
C THR B 238 -5.25 -5.05 -18.70
N TYR B 239 -5.64 -4.39 -17.61
CA TYR B 239 -6.64 -3.33 -17.69
C TYR B 239 -6.07 -1.93 -17.47
N LEU B 240 -5.34 -1.72 -16.38
CA LEU B 240 -4.92 -0.35 -16.04
C LEU B 240 -3.92 0.20 -17.05
N SER B 241 -3.03 -0.64 -17.58
CA SER B 241 -2.05 -0.18 -18.54
C SER B 241 -2.68 0.41 -19.79
N GLU B 242 -3.96 0.12 -20.04
CA GLU B 242 -4.69 0.69 -21.16
C GLU B 242 -5.89 1.52 -20.72
N SER B 243 -6.00 1.85 -19.44
CA SER B 243 -7.10 2.65 -18.94
C SER B 243 -6.59 3.79 -18.05
N ASN B 244 -5.76 3.44 -17.06
CA ASN B 244 -5.12 4.43 -16.21
C ASN B 244 -3.75 3.86 -15.84
N PRO B 245 -2.70 4.39 -16.48
CA PRO B 245 -1.37 3.81 -16.41
C PRO B 245 -0.91 3.59 -14.98
N LEU B 246 -0.71 2.33 -14.61
CA LEU B 246 -0.24 1.97 -13.27
C LEU B 246 1.28 1.96 -13.27
N PRO B 247 1.88 3.05 -12.78
CA PRO B 247 3.32 3.20 -12.71
C PRO B 247 3.75 3.24 -11.25
N PHE B 248 4.53 2.25 -10.83
CA PHE B 248 4.98 2.14 -9.45
C PHE B 248 6.38 2.73 -9.32
N ILE B 249 6.51 3.78 -8.53
CA ILE B 249 7.79 4.39 -8.21
C ILE B 249 8.28 3.88 -6.86
N GLU B 250 9.58 3.64 -6.77
CA GLU B 250 10.19 3.02 -5.59
C GLU B 250 10.91 4.07 -4.76
N TYR B 251 10.64 4.08 -3.45
CA TYR B 251 11.26 5.00 -2.52
C TYR B 251 12.14 4.22 -1.53
N GLY B 252 13.14 4.91 -0.99
CA GLY B 252 14.04 4.27 -0.05
C GLY B 252 14.91 5.25 0.71
N MET B 253 14.77 5.28 2.03
CA MET B 253 15.54 6.18 2.89
C MET B 253 16.05 5.39 4.09
N ARG B 254 16.74 6.10 4.98
CA ARG B 254 17.31 5.49 6.18
C ARG B 254 17.41 6.57 7.26
N GLY B 255 18.16 6.27 8.31
CA GLY B 255 18.36 7.22 9.40
C GLY B 255 19.82 7.59 9.58
N GLY B 256 20.12 8.88 9.52
CA GLY B 256 21.49 9.34 9.68
C GLY B 256 21.58 10.73 10.26
N LYS B 257 20.98 11.72 9.58
CA LYS B 257 21.00 13.11 10.02
C LYS B 257 19.58 13.64 10.01
N LYS B 258 19.19 14.28 11.11
CA LYS B 258 17.83 14.79 11.24
C LYS B 258 17.61 15.98 10.32
N LEU B 259 16.57 15.89 9.49
CA LEU B 259 16.23 16.99 8.59
C LEU B 259 15.41 18.04 9.32
N PRO B 260 15.22 19.18 8.66
CA PRO B 260 14.47 20.28 9.25
C PRO B 260 12.98 19.96 9.21
N SER B 261 12.36 19.87 10.39
CA SER B 261 10.94 19.60 10.52
C SER B 261 10.27 20.77 11.22
N PHE B 262 9.32 21.42 10.54
CA PHE B 262 8.64 22.56 11.09
C PHE B 262 7.58 22.13 12.11
N TRP B 263 7.51 22.87 13.22
CA TRP B 263 6.58 22.56 14.31
C TRP B 263 6.77 21.13 14.80
N LYS B 264 8.04 20.72 14.90
CA LYS B 264 8.39 19.36 15.34
C LYS B 264 8.44 19.33 16.87
N GLU B 265 7.26 19.29 17.46
CA GLU B 265 7.11 19.24 18.91
C GLU B 265 5.93 18.37 19.27
N GLU B 266 5.83 18.03 20.55
CA GLU B 266 4.72 17.23 21.04
C GLU B 266 3.48 18.09 21.20
N SER B 267 2.31 17.48 20.98
CA SER B 267 1.06 18.21 21.04
C SER B 267 0.68 18.50 22.49
N PRO B 268 0.04 19.65 22.70
CA PRO B 268 -0.39 20.06 24.02
C PRO B 268 -1.60 20.99 23.92
#